data_1TSI
#
_entry.id   1TSI
#
_cell.length_a   113.340
_cell.length_b   97.150
_cell.length_c   46.450
_cell.angle_alpha   90.00
_cell.angle_beta   90.00
_cell.angle_gamma   90.00
#
_symmetry.space_group_name_H-M   'P 21 21 21'
#
loop_
_entity.id
_entity.type
_entity.pdbx_description
1 polymer 'TRIOSEPHOSPHATE ISOMERASE'
2 non-polymer N-HYDROXY-4-PHOSPHONO-BUTANAMIDE
3 water water
#
_entity_poly.entity_id   1
_entity_poly.type   'polypeptide(L)'
_entity_poly.pdbx_seq_one_letter_code
;MSKPQPIAAANWKCNGSQQSLSELIDLFNSTSINHDVQCVVASTFVHLAMTKERLSHPKFVIAAQNAIAKSGAFTGEVSL
PILKDFGVNWIVLGHSERRAYYGETNEIVADKVAAAVASGFMVIACIGETLQERESGRTAVVVLTQIAAIAKKLKKADWA
KVVIAYEPVWAIGTGKVATPQQAQEAHALIRSWVSSKIGADVRGELRILYGGSVNGKNARTLYQQRDVNGFLVGGASLKP
EFVDIIKATQ
;
_entity_poly.pdbx_strand_id   A,B
#
loop_
_chem_comp.id
_chem_comp.type
_chem_comp.name
_chem_comp.formula
4PB non-polymer N-HYDROXY-4-PHOSPHONO-BUTANAMIDE 'C4 H8 N O5 P -2'
#
# COMPACT_ATOMS: atom_id res chain seq x y z
N SER A 2 12.48 30.38 -21.22
CA SER A 2 13.59 29.44 -21.18
C SER A 2 13.17 28.10 -20.58
N LYS A 3 12.60 28.11 -19.36
CA LYS A 3 12.19 26.88 -18.69
C LYS A 3 10.74 26.79 -18.26
N PRO A 4 10.15 25.59 -18.42
CA PRO A 4 8.80 25.43 -17.96
C PRO A 4 8.89 25.46 -16.42
N GLN A 5 7.71 25.57 -15.78
CA GLN A 5 7.62 25.62 -14.34
C GLN A 5 8.35 24.54 -13.55
N PRO A 6 9.17 24.93 -12.60
CA PRO A 6 9.84 23.91 -11.82
C PRO A 6 8.86 23.28 -10.81
N ILE A 7 9.28 22.13 -10.28
CA ILE A 7 8.61 21.29 -9.27
C ILE A 7 9.69 20.87 -8.29
N ALA A 8 9.25 20.87 -7.04
CA ALA A 8 10.00 20.50 -5.84
C ALA A 8 9.11 19.46 -5.14
N ALA A 9 9.40 18.18 -5.41
CA ALA A 9 8.62 17.12 -4.83
C ALA A 9 9.38 16.38 -3.74
N ALA A 10 8.77 16.30 -2.53
CA ALA A 10 9.25 15.60 -1.35
C ALA A 10 8.79 14.12 -1.28
N ASN A 11 9.73 13.24 -1.37
CA ASN A 11 9.18 11.92 -1.28
C ASN A 11 9.47 11.55 0.15
N TRP A 12 8.42 11.19 0.86
CA TRP A 12 8.62 10.79 2.24
C TRP A 12 8.91 9.28 2.28
N LYS A 13 8.54 8.59 1.19
CA LYS A 13 8.72 7.17 1.04
C LYS A 13 8.13 6.52 2.24
N CYS A 14 8.84 5.53 2.78
CA CYS A 14 8.31 4.87 3.97
C CYS A 14 8.84 5.43 5.28
N ASN A 15 8.35 6.59 5.68
CA ASN A 15 8.79 7.28 6.87
C ASN A 15 7.78 8.27 7.40
N GLY A 16 7.97 8.57 8.65
CA GLY A 16 7.07 9.53 9.22
C GLY A 16 6.70 9.23 10.65
N SER A 17 5.97 10.21 11.14
CA SER A 17 5.39 10.28 12.44
C SER A 17 4.45 11.45 12.53
N GLN A 18 3.40 11.31 13.30
CA GLN A 18 2.49 12.41 13.36
C GLN A 18 3.15 13.70 13.83
N GLN A 19 3.97 13.55 14.84
CA GLN A 19 4.72 14.61 15.50
C GLN A 19 5.91 15.16 14.71
N SER A 20 6.70 14.31 14.10
CA SER A 20 7.78 14.86 13.35
C SER A 20 7.22 15.47 12.05
N LEU A 21 6.23 14.82 11.43
CA LEU A 21 5.71 15.38 10.21
C LEU A 21 5.07 16.74 10.37
N SER A 22 4.29 16.92 11.42
CA SER A 22 3.69 18.22 11.63
C SER A 22 4.77 19.27 11.78
N GLU A 23 5.91 18.94 12.39
CA GLU A 23 6.97 19.90 12.58
C GLU A 23 7.41 20.48 11.26
N LEU A 24 7.67 19.53 10.38
CA LEU A 24 8.06 19.82 9.02
C LEU A 24 7.04 20.67 8.30
N ILE A 25 5.80 20.17 8.18
CA ILE A 25 4.69 20.84 7.52
C ILE A 25 4.64 22.32 7.87
N ASP A 26 4.74 22.55 9.17
CA ASP A 26 4.73 23.87 9.78
C ASP A 26 5.91 24.67 9.26
N LEU A 27 7.06 24.05 9.05
CA LEU A 27 8.22 24.76 8.54
C LEU A 27 7.90 25.07 7.09
N PHE A 28 7.50 24.06 6.32
CA PHE A 28 7.13 24.20 4.93
C PHE A 28 6.18 25.38 4.79
N ASN A 29 5.10 25.33 5.58
CA ASN A 29 4.03 26.32 5.64
C ASN A 29 4.47 27.74 5.88
N SER A 30 5.53 27.93 6.64
CA SER A 30 5.98 29.25 6.94
C SER A 30 7.15 29.65 6.09
N THR A 31 7.30 28.96 4.97
CA THR A 31 8.40 29.29 4.10
C THR A 31 7.88 30.35 3.17
N SER A 32 8.79 31.18 2.71
CA SER A 32 8.44 32.25 1.83
C SER A 32 8.92 31.87 0.47
N ILE A 33 8.03 31.69 -0.48
CA ILE A 33 8.49 31.35 -1.82
C ILE A 33 7.93 32.50 -2.63
N ASN A 34 8.62 32.97 -3.66
CA ASN A 34 8.08 34.08 -4.41
C ASN A 34 7.87 33.73 -5.87
N HIS A 35 8.68 32.80 -6.37
CA HIS A 35 8.61 32.39 -7.77
C HIS A 35 7.50 31.43 -8.08
N ASP A 36 7.53 31.08 -9.33
CA ASP A 36 6.56 30.14 -9.81
C ASP A 36 7.13 28.71 -9.74
N VAL A 37 6.67 28.02 -8.69
CA VAL A 37 7.05 26.65 -8.36
C VAL A 37 5.88 25.85 -7.81
N GLN A 38 6.01 24.55 -7.99
CA GLN A 38 5.03 23.58 -7.56
C GLN A 38 5.80 22.67 -6.64
N CYS A 39 5.41 22.81 -5.38
CA CYS A 39 5.99 22.08 -4.28
C CYS A 39 5.12 20.86 -4.13
N VAL A 40 5.70 19.70 -3.87
CA VAL A 40 4.80 18.57 -3.78
C VAL A 40 5.17 17.54 -2.73
N VAL A 41 4.39 17.50 -1.67
CA VAL A 41 4.62 16.55 -0.61
C VAL A 41 4.06 15.14 -0.82
N ALA A 42 4.90 14.11 -0.93
CA ALA A 42 4.43 12.77 -1.12
C ALA A 42 4.42 11.92 0.17
N SER A 43 3.24 11.77 0.75
CA SER A 43 3.16 10.98 1.95
C SER A 43 2.60 9.55 1.80
N THR A 44 2.81 8.86 2.95
CA THR A 44 2.41 7.49 3.17
C THR A 44 0.91 7.54 3.12
N PHE A 45 0.25 6.45 2.74
CA PHE A 45 -1.18 6.59 2.69
C PHE A 45 -1.71 7.00 4.04
N VAL A 46 -1.16 6.39 5.10
CA VAL A 46 -1.59 6.71 6.45
C VAL A 46 -1.60 8.17 6.87
N HIS A 47 -0.65 8.95 6.34
CA HIS A 47 -0.51 10.36 6.66
C HIS A 47 -1.26 11.36 5.78
N LEU A 48 -1.96 10.84 4.78
CA LEU A 48 -2.73 11.67 3.88
C LEU A 48 -3.65 12.65 4.59
N ALA A 49 -4.59 12.17 5.41
CA ALA A 49 -5.46 13.09 6.09
C ALA A 49 -4.80 14.21 6.90
N MET A 50 -3.75 13.86 7.60
CA MET A 50 -3.06 14.85 8.42
C MET A 50 -2.43 15.98 7.67
N THR A 51 -1.75 15.62 6.58
CA THR A 51 -1.01 16.44 5.64
C THR A 51 -2.03 17.13 4.74
N LYS A 52 -3.07 16.38 4.40
CA LYS A 52 -4.10 16.94 3.56
C LYS A 52 -4.72 18.14 4.27
N GLU A 53 -5.18 18.02 5.51
CA GLU A 53 -5.79 19.17 6.18
C GLU A 53 -4.93 20.06 7.08
N ARG A 54 -3.61 19.96 6.94
CA ARG A 54 -2.69 20.73 7.77
C ARG A 54 -1.78 21.66 7.03
N LEU A 55 -1.29 21.17 5.87
CA LEU A 55 -0.39 21.86 4.98
C LEU A 55 -1.20 23.04 4.49
N SER A 56 -0.92 24.27 4.94
CA SER A 56 -1.63 25.52 4.60
C SER A 56 -1.17 26.28 3.34
N HIS A 57 0.15 26.27 3.08
CA HIS A 57 0.83 26.90 1.95
C HIS A 57 0.18 26.76 0.56
N PRO A 58 0.16 27.86 -0.20
CA PRO A 58 -0.43 27.87 -1.54
C PRO A 58 0.43 27.29 -2.67
N LYS A 59 1.75 27.30 -2.47
CA LYS A 59 2.70 26.77 -3.43
C LYS A 59 2.97 25.30 -3.24
N PHE A 60 2.05 24.69 -2.48
CA PHE A 60 2.13 23.29 -2.09
C PHE A 60 0.86 22.49 -2.21
N VAL A 61 1.01 21.30 -2.79
CA VAL A 61 -0.04 20.31 -2.98
C VAL A 61 0.48 18.93 -2.55
N ILE A 62 -0.40 18.03 -2.12
CA ILE A 62 -0.03 16.70 -1.71
C ILE A 62 -0.22 15.69 -2.85
N ALA A 63 0.61 14.63 -2.83
CA ALA A 63 0.63 13.48 -3.75
C ALA A 63 0.62 12.16 -2.95
N ALA A 64 0.22 11.02 -3.55
CA ALA A 64 0.17 9.65 -3.01
C ALA A 64 1.40 8.94 -3.53
N GLN A 65 2.14 8.11 -2.81
CA GLN A 65 3.32 7.48 -3.41
C GLN A 65 3.17 6.28 -4.38
N ASN A 66 1.89 5.99 -4.60
CA ASN A 66 1.38 4.91 -5.43
C ASN A 66 -0.15 4.70 -5.35
N ALA A 67 -0.59 3.76 -6.19
CA ALA A 67 -1.94 3.28 -6.36
C ALA A 67 -2.12 2.23 -7.48
N ILE A 68 -3.32 1.70 -7.49
CA ILE A 68 -3.79 0.74 -8.45
C ILE A 68 -4.91 1.45 -9.19
N ALA A 69 -5.10 1.14 -10.48
CA ALA A 69 -6.13 1.84 -11.22
C ALA A 69 -7.57 1.52 -10.86
N LYS A 70 -7.81 0.44 -10.10
CA LYS A 70 -9.19 0.12 -9.84
C LYS A 70 -9.53 -0.48 -8.51
N SER A 71 -10.63 0.00 -7.95
CA SER A 71 -11.19 -0.50 -6.68
C SER A 71 -11.76 -1.91 -6.84
N GLY A 72 -11.67 -2.62 -5.71
CA GLY A 72 -12.08 -3.99 -5.51
C GLY A 72 -11.18 -4.75 -4.57
N ALA A 73 -11.17 -6.06 -4.75
CA ALA A 73 -10.42 -7.01 -3.95
C ALA A 73 -8.97 -7.17 -4.27
N PHE A 74 -8.18 -6.34 -3.62
CA PHE A 74 -6.76 -6.28 -3.67
C PHE A 74 -6.51 -5.64 -2.32
N THR A 75 -6.37 -6.61 -1.40
CA THR A 75 -6.16 -6.32 -0.01
C THR A 75 -4.83 -5.65 0.14
N GLY A 76 -4.77 -4.74 1.06
CA GLY A 76 -3.49 -4.10 1.15
C GLY A 76 -3.36 -2.95 0.18
N GLU A 77 -4.01 -2.97 -1.01
CA GLU A 77 -3.97 -1.93 -2.07
C GLU A 77 -4.90 -0.71 -2.01
N VAL A 78 -4.38 0.41 -2.54
CA VAL A 78 -5.11 1.66 -2.54
C VAL A 78 -5.20 2.19 -3.96
N SER A 79 -6.44 2.29 -4.49
CA SER A 79 -6.75 2.72 -5.84
C SER A 79 -7.06 4.18 -6.12
N LEU A 80 -6.96 4.50 -7.42
CA LEU A 80 -7.18 5.79 -8.05
C LEU A 80 -8.42 6.54 -7.58
N PRO A 81 -9.53 5.83 -7.50
CA PRO A 81 -10.82 6.36 -7.12
C PRO A 81 -10.97 6.69 -5.66
N ILE A 82 -10.22 5.91 -4.91
CA ILE A 82 -10.24 6.13 -3.48
C ILE A 82 -9.60 7.48 -3.12
N LEU A 83 -8.47 7.76 -3.78
CA LEU A 83 -7.67 8.96 -3.65
C LEU A 83 -8.36 10.07 -4.38
N LYS A 84 -8.95 9.71 -5.53
CA LYS A 84 -9.65 10.72 -6.27
C LYS A 84 -10.67 11.27 -5.30
N ASP A 85 -11.60 10.46 -4.73
CA ASP A 85 -12.56 11.00 -3.76
C ASP A 85 -11.89 11.54 -2.53
N PHE A 86 -10.69 11.06 -2.26
CA PHE A 86 -9.98 11.52 -1.10
C PHE A 86 -9.61 12.97 -1.15
N GLY A 87 -9.51 13.52 -2.36
CA GLY A 87 -9.14 14.90 -2.55
C GLY A 87 -7.69 14.96 -3.01
N VAL A 88 -7.11 13.82 -3.42
CA VAL A 88 -5.73 13.75 -3.90
C VAL A 88 -5.66 13.70 -5.43
N ASN A 89 -5.05 14.75 -6.01
CA ASN A 89 -4.87 14.93 -7.44
C ASN A 89 -3.47 14.72 -7.95
N TRP A 90 -2.51 14.42 -7.11
CA TRP A 90 -1.17 14.20 -7.60
C TRP A 90 -0.75 12.82 -7.15
N ILE A 91 0.24 12.22 -7.82
CA ILE A 91 0.66 10.87 -7.50
C ILE A 91 2.04 10.49 -8.02
N VAL A 92 2.88 9.91 -7.20
CA VAL A 92 4.16 9.47 -7.72
C VAL A 92 3.86 8.05 -8.24
N LEU A 93 4.29 7.66 -9.47
CA LEU A 93 4.13 6.34 -10.12
C LEU A 93 5.34 5.87 -10.93
N GLY A 94 5.80 4.66 -10.70
CA GLY A 94 6.93 4.19 -11.49
C GLY A 94 8.22 3.94 -10.73
N HIS A 95 8.23 4.58 -9.57
CA HIS A 95 9.34 4.54 -8.66
C HIS A 95 10.20 3.30 -8.60
N SER A 96 11.50 3.62 -8.69
CA SER A 96 12.62 2.70 -8.62
C SER A 96 12.51 1.75 -7.46
N GLU A 97 12.08 2.22 -6.32
CA GLU A 97 12.01 1.25 -5.27
C GLU A 97 10.99 0.18 -5.56
N ARG A 98 9.86 0.60 -6.17
CA ARG A 98 8.75 -0.27 -6.54
C ARG A 98 9.02 -1.10 -7.78
N ARG A 99 9.85 -0.60 -8.66
CA ARG A 99 10.15 -1.36 -9.85
C ARG A 99 11.11 -2.49 -9.55
N ALA A 100 11.85 -2.26 -8.48
CA ALA A 100 12.89 -3.07 -7.86
C ALA A 100 12.40 -4.17 -6.90
N TYR A 101 11.39 -3.87 -6.06
CA TYR A 101 10.92 -4.87 -5.12
C TYR A 101 9.44 -5.12 -5.12
N TYR A 102 8.68 -4.60 -6.07
CA TYR A 102 7.26 -4.83 -5.94
C TYR A 102 6.56 -5.23 -7.22
N GLY A 103 7.31 -5.79 -8.16
CA GLY A 103 6.81 -6.26 -9.44
C GLY A 103 6.51 -5.30 -10.56
N GLU A 104 6.78 -4.01 -10.37
CA GLU A 104 6.51 -2.97 -11.35
C GLU A 104 7.12 -2.98 -12.78
N THR A 105 6.60 -3.82 -13.68
CA THR A 105 7.12 -3.87 -15.04
C THR A 105 6.69 -2.66 -15.87
N ASN A 106 7.30 -2.43 -17.03
CA ASN A 106 6.98 -1.28 -17.85
C ASN A 106 5.51 -1.27 -18.23
N GLU A 107 5.14 -2.48 -18.53
CA GLU A 107 3.80 -2.75 -18.93
C GLU A 107 2.85 -2.36 -17.81
N ILE A 108 3.35 -2.58 -16.58
CA ILE A 108 2.61 -2.29 -15.35
C ILE A 108 2.52 -0.79 -15.03
N VAL A 109 3.68 -0.12 -15.07
CA VAL A 109 3.78 1.29 -14.79
C VAL A 109 3.05 2.15 -15.81
N ALA A 110 3.09 1.71 -17.09
CA ALA A 110 2.40 2.44 -18.15
C ALA A 110 0.87 2.34 -18.13
N ASP A 111 0.33 1.33 -17.47
CA ASP A 111 -1.11 1.21 -17.41
C ASP A 111 -1.53 2.11 -16.27
N LYS A 112 -0.74 2.00 -15.20
CA LYS A 112 -0.95 2.80 -14.01
C LYS A 112 -1.01 4.22 -14.42
N VAL A 113 0.00 4.63 -15.13
CA VAL A 113 0.11 5.97 -15.66
C VAL A 113 -1.04 6.42 -16.54
N ALA A 114 -1.48 5.55 -17.45
CA ALA A 114 -2.60 5.95 -18.27
C ALA A 114 -3.85 6.24 -17.44
N ALA A 115 -4.18 5.29 -16.60
CA ALA A 115 -5.29 5.25 -15.67
C ALA A 115 -5.37 6.52 -14.81
N ALA A 116 -4.21 6.99 -14.39
CA ALA A 116 -4.21 8.18 -13.58
C ALA A 116 -4.57 9.34 -14.45
N VAL A 117 -3.92 9.43 -15.60
CA VAL A 117 -4.23 10.52 -16.51
C VAL A 117 -5.69 10.51 -16.89
N ALA A 118 -6.11 9.33 -17.31
CA ALA A 118 -7.45 8.98 -17.69
C ALA A 118 -8.43 9.34 -16.58
N SER A 119 -7.88 9.53 -15.39
CA SER A 119 -8.67 9.92 -14.24
C SER A 119 -8.54 11.40 -13.81
N GLY A 120 -7.54 12.06 -14.36
CA GLY A 120 -7.36 13.46 -14.06
C GLY A 120 -6.28 13.81 -13.07
N PHE A 121 -5.35 12.89 -12.89
CA PHE A 121 -4.25 13.08 -11.96
C PHE A 121 -3.17 13.74 -12.73
N MET A 122 -2.26 14.32 -11.99
CA MET A 122 -1.06 14.94 -12.52
C MET A 122 -0.20 13.76 -12.10
N VAL A 123 0.83 13.38 -12.84
CA VAL A 123 1.62 12.21 -12.50
C VAL A 123 3.11 12.50 -12.57
N ILE A 124 3.87 11.82 -11.71
CA ILE A 124 5.30 11.87 -11.63
C ILE A 124 5.80 10.47 -11.99
N ALA A 125 5.62 10.05 -13.25
CA ALA A 125 6.03 8.73 -13.70
C ALA A 125 7.53 8.70 -13.68
N CYS A 126 8.06 7.73 -13.00
CA CYS A 126 9.46 7.55 -12.80
C CYS A 126 10.08 6.63 -13.85
N ILE A 127 11.35 6.87 -14.15
CA ILE A 127 12.10 6.09 -15.14
C ILE A 127 13.58 6.22 -14.85
N GLY A 128 14.39 5.25 -15.24
CA GLY A 128 15.82 5.40 -14.97
C GLY A 128 16.43 4.03 -15.02
N GLU A 129 17.73 3.97 -15.29
CA GLU A 129 18.45 2.71 -15.41
C GLU A 129 19.31 2.35 -14.23
N THR A 130 19.61 1.06 -14.12
CA THR A 130 20.43 0.56 -13.03
C THR A 130 21.93 0.48 -13.37
N LEU A 131 22.75 0.22 -12.37
CA LEU A 131 24.22 0.09 -12.52
C LEU A 131 24.62 -1.00 -13.48
N GLN A 132 23.76 -1.97 -13.54
CA GLN A 132 23.93 -3.12 -14.39
C GLN A 132 23.75 -2.65 -15.82
N GLU A 133 22.68 -1.91 -16.10
CA GLU A 133 22.50 -1.47 -17.45
C GLU A 133 23.66 -0.58 -17.81
N ARG A 134 23.57 0.62 -17.24
CA ARG A 134 24.51 1.70 -17.39
C ARG A 134 25.87 1.20 -17.78
N GLU A 135 26.46 0.43 -16.89
CA GLU A 135 27.75 -0.12 -17.13
C GLU A 135 27.79 -0.86 -18.45
N SER A 136 26.89 -1.79 -18.72
CA SER A 136 26.93 -2.55 -19.95
C SER A 136 26.51 -1.78 -21.19
N GLY A 137 26.53 -0.48 -20.97
CA GLY A 137 26.18 0.50 -21.97
C GLY A 137 24.81 0.27 -22.58
N ARG A 138 23.77 0.24 -21.74
CA ARG A 138 22.44 0.06 -22.25
C ARG A 138 21.50 1.18 -21.84
N THR A 139 22.04 2.35 -21.46
CA THR A 139 21.27 3.50 -21.01
C THR A 139 20.21 4.07 -21.92
N ALA A 140 20.56 4.31 -23.20
CA ALA A 140 19.59 4.85 -24.15
C ALA A 140 18.63 3.76 -24.49
N VAL A 141 19.17 2.54 -24.56
CA VAL A 141 18.25 1.49 -24.87
C VAL A 141 17.23 1.40 -23.79
N VAL A 142 17.71 1.40 -22.56
CA VAL A 142 16.87 1.30 -21.38
C VAL A 142 15.92 2.47 -21.08
N VAL A 143 16.31 3.73 -21.26
CA VAL A 143 15.37 4.81 -20.94
C VAL A 143 14.44 5.24 -22.07
N LEU A 144 14.57 4.76 -23.29
CA LEU A 144 13.65 5.24 -24.31
C LEU A 144 12.49 4.25 -24.41
N THR A 145 12.87 3.04 -24.01
CA THR A 145 12.03 1.88 -23.98
C THR A 145 10.97 2.03 -22.91
N GLN A 146 11.42 2.51 -21.77
CA GLN A 146 10.62 2.71 -20.59
C GLN A 146 9.66 3.84 -20.77
N ILE A 147 10.22 4.91 -21.37
CA ILE A 147 9.51 6.15 -21.70
C ILE A 147 8.55 5.78 -22.83
N ALA A 148 9.06 5.01 -23.79
CA ALA A 148 8.16 4.66 -24.85
C ALA A 148 6.96 3.88 -24.36
N ALA A 149 7.19 2.86 -23.54
CA ALA A 149 6.10 2.07 -23.02
C ALA A 149 5.03 2.88 -22.32
N ILE A 150 5.38 4.06 -21.78
CA ILE A 150 4.44 4.94 -21.10
C ILE A 150 3.66 5.69 -22.15
N ALA A 151 4.40 6.18 -23.15
CA ALA A 151 3.87 6.94 -24.26
C ALA A 151 2.85 6.13 -25.02
N LYS A 152 3.16 4.88 -25.32
CA LYS A 152 2.28 3.95 -26.02
C LYS A 152 0.79 4.13 -25.72
N LYS A 153 0.44 4.34 -24.44
CA LYS A 153 -0.94 4.54 -24.02
C LYS A 153 -1.36 5.98 -23.85
N LEU A 154 -0.44 6.90 -23.89
CA LEU A 154 -0.97 8.23 -23.75
C LEU A 154 -1.27 8.86 -25.09
N LYS A 155 -2.08 9.89 -25.01
CA LYS A 155 -2.45 10.69 -26.15
C LYS A 155 -1.64 11.95 -25.94
N LYS A 156 -1.27 12.58 -27.04
CA LYS A 156 -0.49 13.80 -26.99
C LYS A 156 -1.12 14.79 -26.01
N ALA A 157 -2.43 14.91 -26.06
CA ALA A 157 -3.09 15.84 -25.17
C ALA A 157 -2.83 15.39 -23.75
N ASP A 158 -2.67 14.09 -23.63
CA ASP A 158 -2.41 13.54 -22.32
C ASP A 158 -1.24 14.17 -21.55
N TRP A 159 -0.13 14.40 -22.23
CA TRP A 159 1.08 14.96 -21.67
C TRP A 159 0.96 16.29 -20.92
N ALA A 160 -0.21 16.85 -20.89
CA ALA A 160 -0.33 18.10 -20.20
C ALA A 160 -0.46 17.77 -18.74
N LYS A 161 -0.71 16.50 -18.49
CA LYS A 161 -0.93 15.88 -17.22
C LYS A 161 0.26 14.99 -16.79
N VAL A 162 1.43 15.04 -17.45
CA VAL A 162 2.54 14.15 -17.08
C VAL A 162 3.86 14.84 -16.82
N VAL A 163 4.53 14.42 -15.76
CA VAL A 163 5.81 14.94 -15.37
C VAL A 163 6.75 13.79 -15.32
N ILE A 164 7.95 13.90 -15.85
CA ILE A 164 8.86 12.78 -15.77
C ILE A 164 9.94 13.05 -14.74
N ALA A 165 10.39 12.01 -14.05
CA ALA A 165 11.45 12.21 -13.08
C ALA A 165 12.53 11.24 -13.43
N TYR A 166 13.67 11.72 -13.91
CA TYR A 166 14.76 10.86 -14.26
C TYR A 166 15.50 10.35 -13.04
N GLU A 167 15.29 9.11 -12.54
CA GLU A 167 16.01 8.54 -11.39
C GLU A 167 17.29 7.82 -11.73
N PRO A 168 18.47 8.36 -11.33
CA PRO A 168 19.77 7.74 -11.58
C PRO A 168 19.98 6.46 -10.76
N VAL A 169 19.24 5.37 -11.09
CA VAL A 169 19.33 4.11 -10.40
C VAL A 169 20.75 3.67 -10.14
N TRP A 170 21.59 3.62 -11.17
CA TRP A 170 23.01 3.28 -11.09
C TRP A 170 23.86 4.01 -10.01
N ALA A 171 23.43 5.18 -9.56
CA ALA A 171 24.12 5.99 -8.59
C ALA A 171 23.41 5.97 -7.23
N ILE A 172 22.18 5.46 -7.22
CA ILE A 172 21.35 5.34 -6.01
C ILE A 172 21.71 4.16 -5.14
N GLY A 173 22.55 4.40 -4.16
CA GLY A 173 22.89 3.30 -3.29
C GLY A 173 23.95 2.37 -3.81
N THR A 174 24.83 2.69 -4.77
CA THR A 174 25.83 1.70 -5.16
C THR A 174 27.29 2.08 -4.96
N GLY A 175 27.55 3.29 -4.46
CA GLY A 175 28.91 3.76 -4.26
C GLY A 175 29.39 4.76 -5.32
N LYS A 176 28.57 4.97 -6.37
CA LYS A 176 28.84 5.89 -7.49
C LYS A 176 28.21 7.27 -7.29
N VAL A 177 28.71 8.27 -8.00
CA VAL A 177 28.12 9.58 -7.89
C VAL A 177 27.67 9.97 -9.29
N ALA A 178 26.72 10.89 -9.35
CA ALA A 178 26.26 11.40 -10.63
C ALA A 178 26.55 12.90 -10.68
N THR A 179 27.30 13.31 -11.70
CA THR A 179 27.65 14.70 -11.87
C THR A 179 26.42 15.24 -12.54
N PRO A 180 26.38 16.58 -12.78
CA PRO A 180 25.25 17.27 -13.41
C PRO A 180 25.31 17.08 -14.89
N GLN A 181 26.52 17.02 -15.36
CA GLN A 181 26.63 16.79 -16.77
C GLN A 181 26.15 15.37 -17.02
N GLN A 182 26.08 14.63 -15.92
CA GLN A 182 25.63 13.26 -16.03
C GLN A 182 24.13 13.06 -16.22
N ALA A 183 23.44 13.85 -15.40
CA ALA A 183 22.04 14.11 -15.27
C ALA A 183 21.59 14.67 -16.62
N GLN A 184 22.15 15.87 -16.93
CA GLN A 184 21.84 16.57 -18.16
C GLN A 184 21.63 15.70 -19.41
N GLU A 185 22.55 14.74 -19.53
CA GLU A 185 22.60 13.78 -20.61
C GLU A 185 21.37 12.89 -20.51
N ALA A 186 21.06 12.35 -19.37
CA ALA A 186 19.87 11.52 -19.41
C ALA A 186 18.63 12.36 -19.54
N HIS A 187 18.81 13.60 -19.14
CA HIS A 187 17.66 14.49 -19.23
C HIS A 187 17.34 14.83 -20.68
N ALA A 188 18.43 15.19 -21.36
CA ALA A 188 18.45 15.56 -22.74
C ALA A 188 18.00 14.43 -23.72
N LEU A 189 18.24 13.22 -23.36
CA LEU A 189 17.86 12.07 -24.11
C LEU A 189 16.32 12.08 -24.05
N ILE A 190 15.82 12.31 -22.83
CA ILE A 190 14.41 12.32 -22.61
C ILE A 190 13.71 13.35 -23.44
N ARG A 191 14.09 14.59 -23.18
CA ARG A 191 13.58 15.75 -23.87
C ARG A 191 13.52 15.50 -25.35
N SER A 192 14.57 14.85 -25.80
CA SER A 192 14.83 14.45 -27.17
C SER A 192 13.71 13.61 -27.72
N TRP A 193 13.72 12.39 -27.22
CA TRP A 193 12.76 11.43 -27.64
C TRP A 193 11.36 11.91 -27.79
N VAL A 194 10.89 12.59 -26.76
CA VAL A 194 9.55 13.16 -26.70
C VAL A 194 9.45 14.21 -27.79
N SER A 195 10.41 15.11 -27.73
CA SER A 195 10.48 16.21 -28.66
C SER A 195 10.43 15.63 -30.04
N SER A 196 11.11 14.53 -30.22
CA SER A 196 11.15 13.91 -31.52
C SER A 196 10.03 12.96 -31.89
N LYS A 197 9.51 12.19 -30.95
CA LYS A 197 8.44 11.22 -31.19
C LYS A 197 7.10 11.77 -30.80
N ILE A 198 7.04 12.89 -30.10
CA ILE A 198 5.75 13.41 -29.68
C ILE A 198 5.39 14.72 -30.34
N GLY A 199 6.32 15.69 -30.34
CA GLY A 199 6.15 17.01 -30.92
C GLY A 199 6.88 17.99 -30.05
N ALA A 200 7.70 18.89 -30.60
CA ALA A 200 8.42 19.83 -29.76
C ALA A 200 7.50 20.79 -29.06
N ASP A 201 6.19 20.61 -29.19
CA ASP A 201 5.30 21.51 -28.50
C ASP A 201 5.31 21.01 -27.07
N VAL A 202 4.93 19.75 -27.00
CA VAL A 202 4.88 19.09 -25.73
C VAL A 202 6.26 19.23 -25.06
N ARG A 203 7.29 18.64 -25.68
CA ARG A 203 8.67 18.62 -25.26
C ARG A 203 9.11 19.77 -24.41
N GLY A 204 9.14 20.95 -25.00
CA GLY A 204 9.57 22.11 -24.24
C GLY A 204 8.64 22.34 -23.06
N GLU A 205 7.45 21.76 -23.10
CA GLU A 205 6.56 21.96 -21.98
C GLU A 205 6.92 21.03 -20.80
N LEU A 206 7.30 19.79 -21.21
CA LEU A 206 7.69 18.68 -20.37
C LEU A 206 8.47 19.15 -19.21
N ARG A 207 8.22 18.64 -18.01
CA ARG A 207 8.98 18.98 -16.85
C ARG A 207 9.69 17.67 -16.65
N ILE A 208 11.02 17.67 -16.56
CA ILE A 208 11.82 16.46 -16.34
C ILE A 208 12.57 16.68 -15.03
N LEU A 209 12.21 15.87 -14.03
CA LEU A 209 12.80 15.95 -12.71
C LEU A 209 14.04 15.05 -12.53
N TYR A 210 14.88 15.39 -11.57
CA TYR A 210 16.06 14.62 -11.30
C TYR A 210 15.79 13.96 -9.97
N GLY A 211 15.68 12.63 -10.04
CA GLY A 211 15.41 11.74 -8.92
C GLY A 211 16.65 11.22 -8.22
N GLY A 212 17.86 11.72 -8.50
CA GLY A 212 19.00 11.16 -7.79
C GLY A 212 19.18 11.89 -6.48
N SER A 213 20.38 11.85 -5.87
CA SER A 213 20.63 12.51 -4.58
C SER A 213 20.72 14.03 -4.57
N VAL A 214 19.64 14.68 -4.17
CA VAL A 214 19.63 16.12 -4.13
C VAL A 214 19.72 16.65 -2.71
N ASN A 215 20.43 17.76 -2.50
CA ASN A 215 20.56 18.35 -1.18
C ASN A 215 20.82 19.81 -1.33
N GLY A 216 20.68 20.55 -0.21
CA GLY A 216 20.87 21.99 -0.05
C GLY A 216 22.10 22.56 -0.75
N LYS A 217 23.12 21.71 -0.80
CA LYS A 217 24.34 22.11 -1.44
C LYS A 217 24.28 21.87 -2.94
N ASN A 218 24.09 20.65 -3.43
CA ASN A 218 24.08 20.55 -4.88
C ASN A 218 22.81 20.84 -5.68
N ALA A 219 21.76 21.34 -5.08
CA ALA A 219 20.53 21.57 -5.82
C ALA A 219 20.58 22.56 -6.98
N ARG A 220 21.28 23.70 -6.80
CA ARG A 220 21.49 24.80 -7.75
C ARG A 220 22.43 24.46 -8.90
N THR A 221 23.52 23.79 -8.62
CA THR A 221 24.39 23.45 -9.69
C THR A 221 23.76 22.41 -10.61
N LEU A 222 22.70 21.78 -10.10
CA LEU A 222 21.93 20.75 -10.80
C LEU A 222 20.80 21.49 -11.46
N TYR A 223 20.12 22.32 -10.66
CA TYR A 223 19.03 23.05 -11.27
C TYR A 223 19.49 23.90 -12.42
N GLN A 224 20.77 24.26 -12.39
CA GLN A 224 21.48 25.10 -13.36
C GLN A 224 21.67 24.44 -14.73
N GLN A 225 21.11 23.25 -14.98
CA GLN A 225 21.26 22.62 -16.26
C GLN A 225 19.98 22.60 -17.06
N ARG A 226 20.08 22.86 -18.34
CA ARG A 226 18.99 22.89 -19.31
C ARG A 226 17.77 21.99 -19.12
N ASP A 227 18.02 20.69 -19.15
CA ASP A 227 16.89 19.83 -19.06
C ASP A 227 16.32 19.52 -17.66
N VAL A 228 17.03 20.08 -16.65
CA VAL A 228 16.68 19.89 -15.26
C VAL A 228 15.64 20.92 -14.87
N ASN A 229 14.43 20.37 -14.61
CA ASN A 229 13.25 21.12 -14.24
C ASN A 229 12.85 20.84 -12.80
N GLY A 230 13.66 21.09 -11.78
CA GLY A 230 13.17 20.74 -10.46
C GLY A 230 13.66 19.37 -9.97
N PHE A 231 13.13 18.86 -8.85
CA PHE A 231 13.58 17.56 -8.35
C PHE A 231 12.54 16.63 -7.75
N LEU A 232 12.94 15.37 -7.62
CA LEU A 232 12.26 14.25 -6.97
C LEU A 232 13.26 13.75 -5.92
N VAL A 233 13.25 14.42 -4.75
CA VAL A 233 14.08 14.32 -3.55
C VAL A 233 13.77 13.26 -2.50
N GLY A 234 14.81 12.66 -1.98
CA GLY A 234 14.55 11.65 -0.99
C GLY A 234 14.84 12.05 0.43
N GLY A 235 16.07 11.76 0.84
CA GLY A 235 16.55 12.04 2.18
C GLY A 235 16.36 13.48 2.68
N ALA A 236 16.76 14.50 1.91
CA ALA A 236 16.65 15.91 2.23
C ALA A 236 15.20 16.34 2.32
N SER A 237 14.30 15.43 1.99
CA SER A 237 12.89 15.72 2.02
C SER A 237 12.21 15.63 3.39
N LEU A 238 12.74 14.85 4.30
CA LEU A 238 12.19 14.70 5.64
C LEU A 238 12.85 15.70 6.53
N LYS A 239 13.76 16.49 5.94
CA LYS A 239 14.52 17.53 6.61
C LYS A 239 14.28 18.96 6.12
N PRO A 240 14.63 19.95 6.97
CA PRO A 240 14.49 21.37 6.64
C PRO A 240 15.19 21.82 5.36
N GLU A 241 16.41 21.33 5.13
CA GLU A 241 17.17 21.70 3.94
C GLU A 241 16.40 21.60 2.63
N PHE A 242 15.20 21.02 2.70
CA PHE A 242 14.28 20.86 1.60
C PHE A 242 13.94 22.26 1.18
N VAL A 243 13.94 23.16 2.13
CA VAL A 243 13.60 24.52 1.77
C VAL A 243 14.59 25.07 0.75
N ASP A 244 15.85 24.73 0.96
CA ASP A 244 16.93 25.11 0.11
C ASP A 244 16.67 24.52 -1.25
N ILE A 245 16.06 23.35 -1.30
CA ILE A 245 15.78 22.67 -2.55
C ILE A 245 14.82 23.50 -3.35
N ILE A 246 13.77 23.91 -2.69
CA ILE A 246 12.81 24.70 -3.33
C ILE A 246 13.38 25.99 -3.86
N LYS A 247 14.22 26.68 -3.11
CA LYS A 247 14.75 27.94 -3.59
C LYS A 247 15.66 27.75 -4.76
N ALA A 248 16.29 26.58 -4.77
CA ALA A 248 17.25 26.19 -5.79
C ALA A 248 16.64 26.11 -7.16
N THR A 249 15.37 26.46 -7.28
CA THR A 249 14.72 26.40 -8.57
C THR A 249 14.43 27.82 -9.08
N GLN A 250 15.48 28.64 -8.93
CA GLN A 250 15.50 30.04 -9.31
C GLN A 250 14.88 30.92 -8.24
N SER B 2 -16.60 -25.82 25.14
CA SER B 2 -16.91 -24.48 24.63
C SER B 2 -15.93 -23.98 23.57
N LYS B 3 -16.03 -22.68 23.25
CA LYS B 3 -15.21 -21.96 22.25
C LYS B 3 -14.68 -20.69 22.84
N PRO B 4 -13.65 -20.18 22.20
CA PRO B 4 -13.10 -18.93 22.68
C PRO B 4 -13.96 -17.72 22.27
N GLN B 5 -13.35 -16.54 22.26
CA GLN B 5 -14.15 -15.39 21.90
C GLN B 5 -14.07 -15.11 20.42
N PRO B 6 -15.24 -15.29 19.87
CA PRO B 6 -15.43 -15.13 18.47
C PRO B 6 -15.02 -13.75 18.00
N ILE B 7 -14.63 -13.75 16.75
CA ILE B 7 -14.20 -12.54 16.11
C ILE B 7 -14.97 -12.44 14.78
N ALA B 8 -15.63 -11.33 14.56
CA ALA B 8 -16.28 -11.14 13.30
C ALA B 8 -15.50 -9.97 12.73
N ALA B 9 -14.62 -10.19 11.73
CA ALA B 9 -13.80 -9.16 11.11
C ALA B 9 -14.28 -8.66 9.73
N ALA B 10 -14.17 -7.38 9.54
CA ALA B 10 -14.59 -6.78 8.30
C ALA B 10 -13.44 -6.38 7.39
N ASN B 11 -13.26 -7.12 6.28
CA ASN B 11 -12.23 -6.86 5.27
C ASN B 11 -12.85 -6.05 4.13
N TRP B 12 -12.78 -4.74 4.28
CA TRP B 12 -13.35 -3.81 3.32
C TRP B 12 -12.56 -3.72 2.06
N LYS B 13 -11.36 -4.32 2.14
CA LYS B 13 -10.37 -4.42 1.09
C LYS B 13 -10.08 -3.03 0.51
N CYS B 14 -9.98 -2.99 -0.83
CA CYS B 14 -9.69 -1.82 -1.63
C CYS B 14 -10.95 -1.25 -2.25
N ASN B 15 -11.86 -0.79 -1.38
CA ASN B 15 -13.18 -0.22 -1.62
C ASN B 15 -13.50 0.92 -0.68
N GLY B 16 -14.55 1.65 -1.10
CA GLY B 16 -15.23 2.80 -0.50
C GLY B 16 -14.88 4.26 -0.83
N SER B 17 -15.77 5.05 -0.28
CA SER B 17 -15.71 6.50 -0.36
C SER B 17 -16.09 7.04 1.01
N GLN B 18 -15.67 8.24 1.36
CA GLN B 18 -15.97 8.77 2.67
C GLN B 18 -17.40 8.63 3.15
N GLN B 19 -18.29 8.95 2.24
CA GLN B 19 -19.70 8.88 2.49
C GLN B 19 -20.09 7.47 2.83
N SER B 20 -19.85 6.56 1.90
CA SER B 20 -20.20 5.15 2.03
C SER B 20 -19.76 4.49 3.35
N LEU B 21 -18.64 4.98 3.85
CA LEU B 21 -18.09 4.46 5.07
C LEU B 21 -18.75 4.99 6.34
N SER B 22 -18.84 6.33 6.51
CA SER B 22 -19.48 6.94 7.67
C SER B 22 -20.84 6.31 7.90
N GLU B 23 -21.49 6.18 6.76
CA GLU B 23 -22.80 5.61 6.63
C GLU B 23 -22.76 4.25 7.27
N LEU B 24 -21.77 3.48 6.84
CA LEU B 24 -21.59 2.14 7.33
C LEU B 24 -21.42 2.21 8.81
N ILE B 25 -20.28 2.78 9.18
CA ILE B 25 -19.82 3.02 10.52
C ILE B 25 -20.95 3.54 11.36
N ASP B 26 -21.83 4.36 10.80
CA ASP B 26 -22.93 4.85 11.61
C ASP B 26 -23.77 3.70 12.13
N LEU B 27 -24.26 2.89 11.18
CA LEU B 27 -25.03 1.66 11.37
C LEU B 27 -24.31 0.89 12.45
N PHE B 28 -23.06 0.52 12.18
CA PHE B 28 -22.23 -0.18 13.14
C PHE B 28 -22.32 0.45 14.56
N ASN B 29 -21.77 1.66 14.75
CA ASN B 29 -21.79 2.41 16.02
C ASN B 29 -23.12 2.31 16.73
N SER B 30 -24.21 2.47 15.98
CA SER B 30 -25.56 2.41 16.53
C SER B 30 -26.17 1.02 16.58
N THR B 31 -25.35 0.01 16.80
CA THR B 31 -25.80 -1.36 16.82
C THR B 31 -25.52 -2.01 18.16
N SER B 32 -26.52 -2.46 18.90
CA SER B 32 -26.09 -3.04 20.15
C SER B 32 -25.72 -4.49 20.05
N ILE B 33 -24.49 -4.79 20.37
CA ILE B 33 -24.08 -6.18 20.30
C ILE B 33 -24.08 -6.77 21.71
N ASN B 34 -25.13 -7.53 22.00
CA ASN B 34 -25.22 -8.08 23.32
C ASN B 34 -24.20 -9.02 23.88
N HIS B 35 -23.58 -9.84 23.05
CA HIS B 35 -22.61 -10.79 23.52
C HIS B 35 -21.11 -10.46 23.45
N ASP B 36 -20.33 -11.45 23.80
CA ASP B 36 -18.90 -11.28 23.80
C ASP B 36 -18.38 -11.70 22.45
N VAL B 37 -17.94 -10.68 21.73
CA VAL B 37 -17.43 -10.83 20.39
C VAL B 37 -16.44 -9.75 20.17
N GLN B 38 -15.60 -9.92 19.18
CA GLN B 38 -14.63 -8.87 18.97
C GLN B 38 -14.85 -8.31 17.60
N CYS B 39 -15.33 -7.09 17.47
CA CYS B 39 -15.48 -6.65 16.12
C CYS B 39 -14.28 -5.90 15.61
N VAL B 40 -13.89 -6.29 14.40
CA VAL B 40 -12.75 -5.70 13.74
C VAL B 40 -13.15 -5.09 12.40
N VAL B 41 -12.53 -3.95 12.11
CA VAL B 41 -12.72 -3.17 10.89
C VAL B 41 -11.34 -2.99 10.28
N ALA B 42 -11.14 -3.55 9.06
CA ALA B 42 -9.94 -3.54 8.19
C ALA B 42 -10.30 -2.68 6.95
N SER B 43 -9.94 -1.39 7.01
CA SER B 43 -10.18 -0.37 6.02
C SER B 43 -8.90 0.01 5.28
N THR B 44 -9.05 0.84 4.23
CA THR B 44 -7.89 1.22 3.45
C THR B 44 -6.96 2.09 4.24
N PHE B 45 -5.69 2.20 3.83
CA PHE B 45 -4.84 3.06 4.61
C PHE B 45 -5.48 4.44 4.60
N VAL B 46 -5.84 4.88 3.41
CA VAL B 46 -6.45 6.17 3.23
C VAL B 46 -7.65 6.38 4.10
N HIS B 47 -8.40 5.37 4.44
CA HIS B 47 -9.53 5.70 5.27
C HIS B 47 -9.36 5.33 6.72
N LEU B 48 -8.12 5.11 7.16
CA LEU B 48 -7.78 4.74 8.53
C LEU B 48 -8.09 5.85 9.52
N ALA B 49 -7.83 7.10 9.12
CA ALA B 49 -8.09 8.24 9.99
C ALA B 49 -9.56 8.40 10.22
N MET B 50 -10.33 8.31 9.15
CA MET B 50 -11.78 8.47 9.17
C MET B 50 -12.49 7.64 10.20
N THR B 51 -12.38 6.34 9.97
CA THR B 51 -12.93 5.24 10.73
C THR B 51 -12.55 5.37 12.20
N LYS B 52 -11.26 5.61 12.28
CA LYS B 52 -10.59 5.78 13.55
C LYS B 52 -11.27 6.85 14.38
N GLU B 53 -11.49 8.02 13.80
CA GLU B 53 -12.13 9.11 14.49
C GLU B 53 -13.60 8.87 14.67
N ARG B 54 -14.23 8.01 13.87
CA ARG B 54 -15.67 7.79 13.99
C ARG B 54 -16.24 6.53 14.58
N LEU B 55 -15.43 5.47 14.63
CA LEU B 55 -15.97 4.26 15.20
C LEU B 55 -16.08 4.50 16.68
N SER B 56 -17.28 4.47 17.27
CA SER B 56 -17.43 4.72 18.70
C SER B 56 -17.75 3.47 19.45
N HIS B 57 -18.37 2.50 18.80
CA HIS B 57 -18.73 1.27 19.47
C HIS B 57 -17.57 0.59 20.19
N PRO B 58 -17.89 0.01 21.34
CA PRO B 58 -16.96 -0.68 22.24
C PRO B 58 -16.45 -2.05 21.86
N LYS B 59 -17.22 -2.73 21.01
CA LYS B 59 -16.93 -4.04 20.48
C LYS B 59 -16.15 -3.97 19.17
N PHE B 60 -15.94 -2.78 18.62
CA PHE B 60 -15.20 -2.72 17.36
C PHE B 60 -13.72 -2.31 17.40
N VAL B 61 -12.96 -2.80 16.42
CA VAL B 61 -11.56 -2.49 16.25
C VAL B 61 -11.14 -2.18 14.83
N ILE B 62 -10.29 -1.21 14.70
CA ILE B 62 -9.82 -0.79 13.40
C ILE B 62 -8.62 -1.69 13.14
N ALA B 63 -8.41 -2.10 11.89
CA ALA B 63 -7.27 -2.93 11.57
C ALA B 63 -6.68 -2.69 10.17
N ALA B 64 -5.34 -2.53 10.01
CA ALA B 64 -4.73 -2.36 8.70
C ALA B 64 -4.90 -3.58 7.81
N GLN B 65 -4.76 -3.47 6.50
CA GLN B 65 -4.98 -4.69 5.73
C GLN B 65 -3.68 -5.25 5.27
N ASN B 66 -2.66 -4.56 5.73
CA ASN B 66 -1.31 -4.93 5.40
C ASN B 66 -0.26 -4.02 6.04
N ALA B 67 1.01 -4.39 5.83
CA ALA B 67 2.13 -3.63 6.35
C ALA B 67 3.50 -4.18 5.93
N ILE B 68 4.55 -3.57 6.38
CA ILE B 68 5.86 -4.08 6.08
C ILE B 68 6.55 -3.97 7.45
N ALA B 69 7.53 -4.80 7.81
CA ALA B 69 8.17 -4.73 9.12
C ALA B 69 8.82 -3.45 9.64
N LYS B 70 9.68 -2.82 8.83
CA LYS B 70 10.45 -1.64 9.18
C LYS B 70 10.30 -0.42 8.27
N SER B 71 10.21 0.78 8.86
CA SER B 71 10.06 2.01 8.11
C SER B 71 11.34 2.22 7.33
N GLY B 72 11.25 2.89 6.19
CA GLY B 72 12.41 3.16 5.38
C GLY B 72 12.05 3.64 3.99
N ALA B 73 12.91 3.33 3.03
CA ALA B 73 12.66 3.70 1.66
C ALA B 73 11.84 2.61 1.00
N PHE B 74 10.53 2.69 1.20
CA PHE B 74 9.62 1.73 0.61
C PHE B 74 8.45 2.46 -0.04
N THR B 75 8.86 3.18 -1.09
CA THR B 75 7.96 3.99 -1.84
C THR B 75 6.59 3.42 -2.10
N GLY B 76 5.68 3.78 -1.23
CA GLY B 76 4.39 3.25 -1.47
C GLY B 76 3.88 2.43 -0.32
N GLU B 77 4.81 1.91 0.45
CA GLU B 77 4.51 1.05 1.59
C GLU B 77 4.33 1.62 3.03
N VAL B 78 3.48 0.94 3.82
CA VAL B 78 3.28 1.31 5.22
C VAL B 78 3.93 0.27 6.15
N SER B 79 4.83 0.70 7.03
CA SER B 79 5.52 -0.17 7.96
C SER B 79 4.78 -0.28 9.25
N LEU B 80 5.27 -1.18 10.05
CA LEU B 80 4.64 -1.45 11.34
C LEU B 80 4.62 -0.26 12.30
N PRO B 81 5.79 0.35 12.43
CA PRO B 81 5.94 1.47 13.31
C PRO B 81 4.96 2.61 13.07
N ILE B 82 4.89 3.01 11.79
CA ILE B 82 4.03 4.06 11.28
C ILE B 82 2.59 3.85 11.69
N LEU B 83 2.19 2.59 11.72
CA LEU B 83 0.83 2.18 12.08
C LEU B 83 0.59 2.26 13.57
N LYS B 84 1.58 1.75 14.31
CA LYS B 84 1.53 1.70 15.76
C LYS B 84 1.22 3.10 16.27
N ASP B 85 2.06 3.98 15.75
CA ASP B 85 2.10 5.38 15.99
C ASP B 85 0.78 5.98 15.66
N PHE B 86 0.24 5.56 14.53
CA PHE B 86 -1.03 6.08 14.10
C PHE B 86 -2.09 5.61 15.04
N GLY B 87 -1.68 4.71 15.91
CA GLY B 87 -2.49 4.15 16.95
C GLY B 87 -3.25 2.92 16.63
N VAL B 88 -2.76 2.16 15.62
CA VAL B 88 -3.32 0.90 15.11
C VAL B 88 -2.63 -0.35 15.63
N ASN B 89 -3.34 -1.20 16.38
CA ASN B 89 -2.73 -2.40 16.96
C ASN B 89 -3.12 -3.77 16.49
N TRP B 90 -3.93 -3.90 15.43
CA TRP B 90 -4.41 -5.13 14.85
C TRP B 90 -4.04 -5.06 13.40
N ILE B 91 -3.77 -6.22 12.83
CA ILE B 91 -3.38 -6.30 11.43
C ILE B 91 -3.87 -7.60 10.82
N VAL B 92 -3.88 -7.60 9.52
CA VAL B 92 -4.34 -8.76 8.82
C VAL B 92 -3.15 -9.03 7.96
N LEU B 93 -2.53 -10.18 8.11
CA LEU B 93 -1.38 -10.41 7.29
C LEU B 93 -1.69 -11.69 6.54
N GLY B 94 -1.03 -11.93 5.41
CA GLY B 94 -1.14 -13.15 4.60
C GLY B 94 -2.33 -13.33 3.72
N HIS B 95 -3.19 -12.31 3.72
CA HIS B 95 -4.40 -12.29 2.91
C HIS B 95 -4.23 -12.87 1.53
N SER B 96 -5.16 -13.77 1.18
CA SER B 96 -5.19 -14.43 -0.11
C SER B 96 -4.76 -13.61 -1.33
N GLU B 97 -5.37 -12.45 -1.55
CA GLU B 97 -5.07 -11.61 -2.69
C GLU B 97 -3.63 -11.14 -2.70
N ARG B 98 -3.02 -11.10 -1.52
CA ARG B 98 -1.63 -10.69 -1.52
C ARG B 98 -0.66 -11.79 -1.95
N ARG B 99 -0.85 -13.03 -1.49
CA ARG B 99 0.01 -14.12 -1.91
C ARG B 99 -0.11 -14.21 -3.46
N ALA B 100 -1.32 -14.45 -3.89
CA ALA B 100 -1.66 -14.53 -5.29
C ALA B 100 -1.16 -13.35 -6.11
N TYR B 101 -1.57 -12.15 -5.77
CA TYR B 101 -1.06 -11.13 -6.65
C TYR B 101 0.17 -10.30 -6.27
N TYR B 102 0.65 -10.26 -5.02
CA TYR B 102 1.78 -9.41 -4.68
C TYR B 102 2.93 -10.18 -4.15
N GLY B 103 2.99 -11.39 -4.68
CA GLY B 103 4.00 -12.41 -4.43
C GLY B 103 4.50 -12.59 -3.03
N GLU B 104 3.68 -12.37 -1.99
CA GLU B 104 3.94 -12.50 -0.54
C GLU B 104 3.83 -13.98 -0.25
N THR B 105 5.01 -14.59 -0.23
CA THR B 105 5.44 -15.97 -0.04
C THR B 105 5.38 -16.39 1.43
N ASN B 106 5.50 -17.72 1.64
CA ASN B 106 5.47 -18.34 2.96
C ASN B 106 6.32 -17.66 4.00
N GLU B 107 7.55 -17.39 3.59
CA GLU B 107 8.58 -16.74 4.39
C GLU B 107 8.33 -15.25 4.64
N ILE B 108 7.76 -14.57 3.63
CA ILE B 108 7.42 -13.16 3.65
C ILE B 108 6.36 -12.94 4.69
N VAL B 109 5.30 -13.78 4.55
CA VAL B 109 4.18 -13.69 5.48
C VAL B 109 4.65 -13.94 6.89
N ALA B 110 5.34 -15.08 7.03
CA ALA B 110 5.97 -15.54 8.24
C ALA B 110 6.77 -14.41 8.86
N ASP B 111 7.62 -13.78 8.08
CA ASP B 111 8.44 -12.69 8.54
C ASP B 111 7.70 -11.41 8.93
N LYS B 112 6.56 -11.13 8.31
CA LYS B 112 5.86 -9.95 8.72
C LYS B 112 5.10 -10.33 9.96
N VAL B 113 4.56 -11.54 9.99
CA VAL B 113 3.76 -11.99 11.13
C VAL B 113 4.47 -11.84 12.43
N ALA B 114 5.67 -12.37 12.39
CA ALA B 114 6.60 -12.33 13.49
C ALA B 114 6.78 -10.87 13.90
N ALA B 115 7.17 -10.07 12.92
CA ALA B 115 7.35 -8.66 13.23
C ALA B 115 6.15 -7.99 13.86
N ALA B 116 4.96 -8.25 13.33
CA ALA B 116 3.73 -7.63 13.82
C ALA B 116 3.55 -7.94 15.27
N VAL B 117 3.88 -9.20 15.51
CA VAL B 117 3.80 -9.76 16.83
C VAL B 117 4.77 -9.05 17.72
N ALA B 118 6.09 -9.13 17.50
CA ALA B 118 6.99 -8.38 18.38
C ALA B 118 6.72 -6.88 18.63
N SER B 119 5.94 -6.19 17.80
CA SER B 119 5.61 -4.79 17.93
C SER B 119 4.36 -4.72 18.72
N GLY B 120 3.95 -5.88 19.20
CA GLY B 120 2.76 -5.91 19.99
C GLY B 120 1.55 -5.74 19.12
N PHE B 121 1.52 -6.41 17.96
CA PHE B 121 0.35 -6.27 17.12
C PHE B 121 -0.57 -7.45 17.37
N MET B 122 -1.84 -7.28 17.08
CA MET B 122 -2.84 -8.30 17.19
C MET B 122 -3.22 -8.77 15.75
N VAL B 123 -2.50 -9.79 15.26
CA VAL B 123 -2.59 -10.36 13.91
C VAL B 123 -3.51 -11.45 13.45
N ILE B 124 -4.22 -11.21 12.38
CA ILE B 124 -5.07 -12.23 11.80
C ILE B 124 -4.27 -12.70 10.58
N ALA B 125 -3.72 -13.92 10.65
CA ALA B 125 -2.93 -14.47 9.57
C ALA B 125 -3.74 -15.38 8.65
N CYS B 126 -3.57 -15.20 7.35
CA CYS B 126 -4.34 -16.03 6.45
C CYS B 126 -3.60 -17.19 5.83
N ILE B 127 -4.41 -18.21 5.55
CA ILE B 127 -3.97 -19.43 4.93
C ILE B 127 -5.13 -20.05 4.17
N GLY B 128 -4.82 -20.94 3.21
CA GLY B 128 -5.79 -21.63 2.40
C GLY B 128 -5.20 -22.08 1.05
N GLU B 129 -5.82 -23.14 0.48
CA GLU B 129 -5.47 -23.74 -0.80
C GLU B 129 -6.28 -23.27 -2.00
N THR B 130 -5.62 -23.21 -3.17
CA THR B 130 -6.29 -22.81 -4.39
C THR B 130 -6.99 -24.01 -5.02
N LEU B 131 -7.93 -23.80 -5.94
CA LEU B 131 -8.70 -24.85 -6.62
C LEU B 131 -7.81 -25.92 -7.10
N GLN B 132 -6.81 -25.50 -7.83
CA GLN B 132 -5.84 -26.45 -8.37
C GLN B 132 -5.36 -27.42 -7.30
N GLU B 133 -4.68 -26.90 -6.29
CA GLU B 133 -4.20 -27.70 -5.20
C GLU B 133 -5.30 -28.53 -4.59
N ARG B 134 -6.46 -27.94 -4.26
CA ARG B 134 -7.51 -28.74 -3.66
C ARG B 134 -7.78 -29.97 -4.50
N GLU B 135 -7.97 -29.68 -5.80
CA GLU B 135 -8.25 -30.68 -6.83
C GLU B 135 -7.27 -31.84 -6.84
N SER B 136 -6.00 -31.49 -6.80
CA SER B 136 -4.98 -32.52 -6.77
C SER B 136 -4.71 -32.99 -5.33
N GLY B 137 -5.73 -32.84 -4.48
CA GLY B 137 -5.72 -33.23 -3.09
C GLY B 137 -4.42 -32.98 -2.38
N ARG B 138 -3.94 -31.74 -2.45
CA ARG B 138 -2.70 -31.31 -1.80
C ARG B 138 -3.02 -30.39 -0.63
N THR B 139 -4.31 -30.30 -0.24
CA THR B 139 -4.82 -29.45 0.83
C THR B 139 -4.01 -29.41 2.08
N ALA B 140 -3.82 -30.61 2.66
CA ALA B 140 -3.09 -30.81 3.90
C ALA B 140 -1.60 -30.50 3.84
N VAL B 141 -1.01 -30.66 2.66
CA VAL B 141 0.38 -30.33 2.61
C VAL B 141 0.38 -28.80 2.64
N VAL B 142 -0.42 -28.29 1.72
CA VAL B 142 -0.59 -26.88 1.54
C VAL B 142 -0.96 -26.26 2.88
N VAL B 143 -2.18 -26.46 3.37
CA VAL B 143 -2.57 -25.89 4.66
C VAL B 143 -1.55 -25.87 5.83
N LEU B 144 -0.97 -27.07 6.08
CA LEU B 144 0.01 -27.38 7.12
C LEU B 144 1.30 -26.68 6.89
N THR B 145 1.75 -26.81 5.65
CA THR B 145 2.96 -26.14 5.31
C THR B 145 2.85 -24.67 5.63
N GLN B 146 1.79 -24.04 5.12
CA GLN B 146 1.63 -22.63 5.39
C GLN B 146 1.68 -22.31 6.88
N ILE B 147 0.90 -22.99 7.72
CA ILE B 147 0.88 -22.71 9.15
C ILE B 147 2.24 -22.87 9.85
N ALA B 148 2.95 -23.97 9.57
CA ALA B 148 4.23 -24.13 10.20
C ALA B 148 5.17 -23.03 9.76
N ALA B 149 4.99 -22.48 8.55
CA ALA B 149 5.86 -21.41 8.07
C ALA B 149 5.82 -20.25 9.05
N ILE B 150 4.62 -19.99 9.55
CA ILE B 150 4.37 -18.94 10.51
C ILE B 150 4.95 -19.33 11.85
N ALA B 151 4.71 -20.58 12.25
CA ALA B 151 5.16 -21.10 13.53
C ALA B 151 6.65 -20.94 13.85
N LYS B 152 7.43 -21.49 12.93
CA LYS B 152 8.86 -21.52 12.93
C LYS B 152 9.38 -20.28 13.58
N LYS B 153 8.76 -19.16 13.24
CA LYS B 153 9.17 -17.86 13.72
C LYS B 153 8.73 -17.35 15.07
N LEU B 154 7.66 -17.95 15.57
CA LEU B 154 7.06 -17.59 16.83
C LEU B 154 7.58 -18.32 18.06
N LYS B 155 7.37 -17.74 19.25
CA LYS B 155 7.69 -18.34 20.54
C LYS B 155 6.32 -18.74 21.05
N LYS B 156 6.27 -19.55 22.11
CA LYS B 156 5.02 -20.04 22.69
C LYS B 156 4.17 -18.93 23.31
N ALA B 157 4.85 -17.84 23.64
CA ALA B 157 4.12 -16.72 24.21
C ALA B 157 3.39 -15.91 23.15
N ASP B 158 3.95 -15.93 21.94
CA ASP B 158 3.44 -15.22 20.79
C ASP B 158 2.07 -15.61 20.32
N TRP B 159 1.72 -16.89 20.43
CA TRP B 159 0.42 -17.28 19.94
C TRP B 159 -0.77 -16.53 20.47
N ALA B 160 -0.63 -15.93 21.66
CA ALA B 160 -1.63 -15.13 22.39
C ALA B 160 -2.12 -13.92 21.63
N LYS B 161 -1.35 -13.56 20.59
CA LYS B 161 -1.50 -12.44 19.67
C LYS B 161 -1.99 -12.84 18.28
N VAL B 162 -1.89 -14.14 18.02
CA VAL B 162 -2.23 -14.75 16.76
C VAL B 162 -3.61 -15.36 16.52
N VAL B 163 -4.27 -14.89 15.45
CA VAL B 163 -5.56 -15.26 14.90
C VAL B 163 -5.27 -15.89 13.55
N ILE B 164 -5.69 -17.13 13.29
CA ILE B 164 -5.43 -17.76 12.00
C ILE B 164 -6.73 -17.65 11.24
N ALA B 165 -6.68 -17.43 9.93
CA ALA B 165 -7.91 -17.29 9.19
C ALA B 165 -7.83 -18.20 8.03
N TYR B 166 -8.72 -19.17 7.99
CA TYR B 166 -8.70 -20.15 6.91
C TYR B 166 -9.60 -19.85 5.73
N GLU B 167 -8.90 -19.37 4.69
CA GLU B 167 -9.31 -18.99 3.36
C GLU B 167 -9.47 -20.15 2.38
N PRO B 168 -10.69 -20.58 2.14
CA PRO B 168 -10.77 -21.66 1.21
C PRO B 168 -10.72 -21.00 -0.13
N VAL B 169 -9.52 -20.62 -0.55
CA VAL B 169 -9.42 -19.95 -1.84
C VAL B 169 -10.12 -20.68 -3.00
N TRP B 170 -10.16 -22.02 -2.92
CA TRP B 170 -10.76 -22.96 -3.90
C TRP B 170 -12.25 -22.71 -4.19
N ALA B 171 -12.87 -21.94 -3.31
CA ALA B 171 -14.27 -21.59 -3.44
C ALA B 171 -14.35 -20.12 -3.80
N ILE B 172 -13.36 -19.36 -3.39
CA ILE B 172 -13.42 -17.96 -3.75
C ILE B 172 -13.29 -17.71 -5.25
N GLY B 173 -14.44 -17.54 -5.90
CA GLY B 173 -14.50 -17.25 -7.32
C GLY B 173 -14.18 -18.46 -8.18
N THR B 174 -14.89 -19.54 -7.92
CA THR B 174 -14.62 -20.72 -8.70
C THR B 174 -15.90 -21.49 -8.84
N GLY B 175 -16.99 -20.78 -8.59
CA GLY B 175 -18.30 -21.38 -8.67
C GLY B 175 -18.36 -22.67 -7.86
N LYS B 176 -17.62 -22.64 -6.75
CA LYS B 176 -17.50 -23.73 -5.81
C LYS B 176 -17.98 -23.34 -4.42
N VAL B 177 -18.91 -24.11 -3.88
CA VAL B 177 -19.45 -23.81 -2.58
C VAL B 177 -18.94 -24.69 -1.42
N ALA B 178 -18.11 -24.11 -0.54
CA ALA B 178 -17.57 -24.81 0.61
C ALA B 178 -18.74 -25.01 1.56
N THR B 179 -18.87 -26.22 2.10
CA THR B 179 -19.97 -26.41 3.01
C THR B 179 -19.41 -26.34 4.41
N PRO B 180 -20.30 -26.36 5.39
CA PRO B 180 -19.82 -26.28 6.76
C PRO B 180 -18.93 -27.46 7.10
N GLN B 181 -19.33 -28.60 6.53
CA GLN B 181 -18.60 -29.82 6.70
C GLN B 181 -17.18 -29.64 6.19
N GLN B 182 -17.06 -29.02 5.02
CA GLN B 182 -15.76 -28.80 4.42
C GLN B 182 -14.86 -27.81 5.12
N ALA B 183 -15.48 -26.89 5.85
CA ALA B 183 -14.80 -25.83 6.59
C ALA B 183 -14.18 -26.44 7.82
N GLN B 184 -15.12 -27.06 8.54
CA GLN B 184 -14.86 -27.77 9.77
C GLN B 184 -13.74 -28.78 9.57
N GLU B 185 -13.80 -29.66 8.55
CA GLU B 185 -12.70 -30.58 8.35
C GLU B 185 -11.35 -29.87 8.28
N ALA B 186 -11.32 -28.70 7.62
CA ALA B 186 -10.13 -27.85 7.46
C ALA B 186 -9.70 -27.08 8.73
N HIS B 187 -10.65 -26.48 9.46
CA HIS B 187 -10.20 -25.80 10.66
C HIS B 187 -9.68 -26.89 11.58
N ALA B 188 -10.40 -28.03 11.57
CA ALA B 188 -10.01 -29.20 12.38
C ALA B 188 -8.54 -29.59 12.26
N LEU B 189 -8.11 -29.71 11.04
CA LEU B 189 -6.75 -30.02 10.73
C LEU B 189 -5.83 -29.05 11.44
N ILE B 190 -5.92 -27.77 11.10
CA ILE B 190 -5.10 -26.72 11.65
C ILE B 190 -4.91 -26.91 13.14
N ARG B 191 -6.01 -26.99 13.88
CA ARG B 191 -6.03 -27.19 15.32
C ARG B 191 -5.29 -28.45 15.77
N SER B 192 -5.35 -29.46 14.90
CA SER B 192 -4.65 -30.69 15.15
C SER B 192 -3.19 -30.34 15.11
N TRP B 193 -2.81 -29.61 14.07
CA TRP B 193 -1.42 -29.22 13.95
C TRP B 193 -0.93 -28.30 15.04
N VAL B 194 -1.85 -27.61 15.69
CA VAL B 194 -1.47 -26.73 16.78
C VAL B 194 -1.26 -27.53 18.09
N SER B 195 -2.35 -28.19 18.50
CA SER B 195 -2.42 -29.02 19.68
C SER B 195 -1.16 -29.84 19.84
N SER B 196 -0.76 -30.47 18.73
CA SER B 196 0.45 -31.28 18.65
C SER B 196 1.73 -30.47 18.63
N LYS B 197 1.99 -29.65 17.61
CA LYS B 197 3.22 -28.88 17.50
C LYS B 197 3.57 -27.86 18.55
N ILE B 198 2.55 -27.21 19.08
CA ILE B 198 2.75 -26.19 20.09
C ILE B 198 2.29 -26.66 21.46
N GLY B 199 0.96 -26.74 21.60
CA GLY B 199 0.40 -27.18 22.86
C GLY B 199 -1.09 -27.43 22.76
N ALA B 200 -1.65 -28.13 23.71
CA ALA B 200 -3.06 -28.37 23.65
C ALA B 200 -3.82 -27.24 24.30
N ASP B 201 -3.01 -26.41 24.93
CA ASP B 201 -3.47 -25.23 25.62
C ASP B 201 -3.62 -24.14 24.58
N VAL B 202 -2.54 -23.94 23.85
CA VAL B 202 -2.53 -22.96 22.78
C VAL B 202 -3.73 -23.24 21.85
N ARG B 203 -3.79 -24.48 21.31
CA ARG B 203 -4.85 -24.95 20.42
C ARG B 203 -6.25 -24.62 20.90
N GLY B 204 -6.59 -24.96 22.13
CA GLY B 204 -7.91 -24.67 22.62
C GLY B 204 -8.21 -23.18 22.72
N GLU B 205 -7.22 -22.38 23.05
CA GLU B 205 -7.46 -20.95 23.16
C GLU B 205 -7.48 -20.31 21.77
N LEU B 206 -6.87 -20.95 20.80
CA LEU B 206 -6.81 -20.40 19.46
C LEU B 206 -8.12 -20.14 18.77
N ARG B 207 -8.25 -18.98 18.15
CA ARG B 207 -9.47 -18.63 17.40
C ARG B 207 -9.14 -18.81 15.94
N ILE B 208 -9.95 -19.61 15.27
CA ILE B 208 -9.69 -19.86 13.89
C ILE B 208 -10.91 -19.44 13.12
N LEU B 209 -10.84 -18.31 12.41
CA LEU B 209 -11.90 -17.71 11.57
C LEU B 209 -12.21 -18.34 10.19
N TYR B 210 -13.41 -18.13 9.66
CA TYR B 210 -13.72 -18.66 8.34
C TYR B 210 -13.44 -17.72 7.16
N GLY B 211 -12.65 -18.06 6.15
CA GLY B 211 -12.39 -17.10 5.10
C GLY B 211 -13.30 -17.14 3.88
N GLY B 212 -14.00 -18.24 3.60
CA GLY B 212 -14.81 -18.20 2.40
C GLY B 212 -15.86 -17.09 2.31
N SER B 213 -16.80 -17.31 1.42
CA SER B 213 -17.86 -16.37 1.27
C SER B 213 -18.87 -16.46 2.39
N VAL B 214 -18.99 -15.35 3.13
CA VAL B 214 -19.93 -15.31 4.22
C VAL B 214 -21.07 -14.31 4.01
N ASN B 215 -22.29 -14.66 4.44
CA ASN B 215 -23.48 -13.83 4.32
C ASN B 215 -24.53 -14.29 5.30
N GLY B 216 -25.38 -13.42 5.82
CA GLY B 216 -26.45 -13.72 6.74
C GLY B 216 -27.03 -15.13 6.81
N LYS B 217 -27.55 -15.68 5.71
CA LYS B 217 -28.12 -17.01 5.77
C LYS B 217 -27.17 -18.07 6.29
N ASN B 218 -26.06 -18.24 5.59
CA ASN B 218 -25.03 -19.19 5.90
C ASN B 218 -24.05 -18.85 7.01
N ALA B 219 -24.23 -17.78 7.80
CA ALA B 219 -23.30 -17.46 8.89
C ALA B 219 -23.53 -18.42 10.07
N ARG B 220 -24.81 -18.58 10.46
CA ARG B 220 -25.38 -19.40 11.53
C ARG B 220 -24.85 -20.82 11.62
N THR B 221 -25.05 -21.59 10.55
CA THR B 221 -24.61 -22.98 10.41
C THR B 221 -23.10 -23.18 10.49
N LEU B 222 -22.39 -22.25 9.89
CA LEU B 222 -20.94 -22.28 9.87
C LEU B 222 -20.33 -22.33 11.27
N TYR B 223 -20.47 -21.21 12.00
CA TYR B 223 -19.98 -20.95 13.35
C TYR B 223 -20.36 -22.00 14.38
N GLN B 224 -21.46 -22.68 14.09
CA GLN B 224 -21.96 -23.75 14.93
C GLN B 224 -20.91 -24.87 14.87
N GLN B 225 -20.00 -24.74 13.93
CA GLN B 225 -19.02 -25.79 13.86
C GLN B 225 -17.99 -25.59 14.96
N ARG B 226 -17.72 -26.70 15.64
CA ARG B 226 -16.80 -26.76 16.76
C ARG B 226 -15.43 -26.18 16.47
N ASP B 227 -15.05 -25.97 15.23
CA ASP B 227 -13.72 -25.44 15.06
C ASP B 227 -13.58 -24.04 14.54
N VAL B 228 -14.72 -23.50 14.07
CA VAL B 228 -14.86 -22.16 13.50
C VAL B 228 -15.06 -21.18 14.62
N ASN B 229 -14.12 -20.26 14.82
CA ASN B 229 -14.15 -19.26 15.88
C ASN B 229 -14.61 -17.85 15.48
N GLY B 230 -15.13 -17.78 14.28
CA GLY B 230 -15.60 -16.50 13.79
C GLY B 230 -15.46 -16.41 12.27
N PHE B 231 -15.48 -15.14 11.82
CA PHE B 231 -15.39 -14.83 10.42
C PHE B 231 -14.40 -13.81 9.96
N LEU B 232 -13.92 -14.03 8.73
CA LEU B 232 -13.05 -13.13 8.00
C LEU B 232 -13.97 -12.73 6.86
N VAL B 233 -14.68 -11.60 7.03
CA VAL B 233 -15.62 -11.17 6.03
C VAL B 233 -15.15 -10.22 4.94
N GLY B 234 -15.60 -10.56 3.73
CA GLY B 234 -15.29 -9.81 2.55
C GLY B 234 -16.45 -8.89 2.28
N GLY B 235 -17.06 -9.11 1.13
CA GLY B 235 -18.20 -8.42 0.55
C GLY B 235 -19.29 -7.98 1.48
N ALA B 236 -19.96 -8.88 2.20
CA ALA B 236 -21.00 -8.41 3.09
C ALA B 236 -20.47 -7.40 4.09
N SER B 237 -19.13 -7.32 4.25
CA SER B 237 -18.54 -6.37 5.16
C SER B 237 -18.77 -4.92 4.73
N LEU B 238 -19.15 -4.75 3.44
CA LEU B 238 -19.48 -3.50 2.76
C LEU B 238 -20.98 -3.13 2.92
N LYS B 239 -21.86 -4.11 3.15
CA LYS B 239 -23.31 -3.94 3.33
C LYS B 239 -23.67 -4.05 4.80
N PRO B 240 -24.98 -3.99 5.13
CA PRO B 240 -25.50 -4.13 6.49
C PRO B 240 -25.73 -5.54 7.00
N GLU B 241 -25.62 -6.58 6.16
CA GLU B 241 -25.74 -7.97 6.57
C GLU B 241 -24.63 -8.24 7.58
N PHE B 242 -23.63 -7.35 7.59
CA PHE B 242 -22.48 -7.46 8.48
C PHE B 242 -23.00 -7.59 9.88
N VAL B 243 -24.08 -6.90 10.14
CA VAL B 243 -24.65 -6.96 11.48
C VAL B 243 -25.27 -8.32 11.74
N ASP B 244 -25.78 -8.88 10.66
CA ASP B 244 -26.42 -10.16 10.70
C ASP B 244 -25.35 -11.20 10.91
N ILE B 245 -24.16 -10.93 10.39
CA ILE B 245 -23.07 -11.86 10.51
C ILE B 245 -22.49 -11.83 11.90
N ILE B 246 -22.65 -10.69 12.56
CA ILE B 246 -22.12 -10.51 13.91
C ILE B 246 -22.92 -11.39 14.83
N LYS B 247 -24.22 -11.23 14.71
CA LYS B 247 -25.17 -11.93 15.51
C LYS B 247 -25.17 -13.43 15.34
N ALA B 248 -24.53 -13.95 14.31
CA ALA B 248 -24.48 -15.39 14.10
C ALA B 248 -23.45 -15.98 15.02
N THR B 249 -22.78 -15.10 15.77
CA THR B 249 -21.75 -15.45 16.75
C THR B 249 -22.24 -16.00 18.07
N GLN B 250 -23.50 -16.43 17.93
CA GLN B 250 -24.42 -17.08 18.87
C GLN B 250 -23.78 -17.46 20.19
C1 4PB C . 14.86 8.19 -4.90
C2 4PB C . 16.30 8.56 -5.06
C3 4PB C . 16.75 8.87 -3.63
C4 4PB C . 18.25 9.10 -3.38
N 4PB C . 13.99 9.15 -5.19
O1 4PB C . 14.56 7.06 -4.51
ON 4PB C . 12.60 8.97 -5.11
P 4PB C . 18.62 9.70 -1.73
O1P 4PB C . 18.28 11.20 -1.62
O2P 4PB C . 17.82 8.98 -0.62
O3P 4PB C . 20.13 9.49 -1.50
#